data_6KSR
#
_entry.id   6KSR
#
_cell.length_a   68.000
_cell.length_b   77.050
_cell.length_c   105.150
_cell.angle_alpha   90.000
_cell.angle_beta   90.000
_cell.angle_gamma   90.000
#
_symmetry.space_group_name_H-M   'P 21 21 21'
#
loop_
_entity.id
_entity.type
_entity.pdbx_description
1 polymer Phosphotransferase
2 non-polymer alpha-D-galactopyranose
3 water water
#
_entity_poly.entity_id   1
_entity_poly.type   'polypeptide(L)'
_entity_poly.pdbx_seq_one_letter_code
;ANNSLEQKAEQVLAPLRLSKEKLQDLSKTFSDELLRGLEMHKRHGLKWVPEECSLRMLDSCVSEIPTGNEKGVFYALDFG
GTNVRAVRCELLGGGRIRSQQFLKNLYECGGEIDLMARETSASQLFDVLAGCVGELVEENNEKELLKKKAAKLGFTFSFP
CVQRSLNNSVLESWTKGFATGHDTDDPVVGKDVVPLLAAAFARQGLGLECEAVVNDTVGTLLSCAYQKGPGGPPCTVGVI
LGTGANCCYWEPQAAAFGYRGAVVNVECGNFNKNLPTTPADEAIDNKSPNKKHQLFEKMISGFYLGELVRLLTLEIFGAA
APAKAREEFSFDAKQAAVLAASLMPGKEEDPALASSCKVLLKESWGWDLDAAALKVMRQIGFAVFDRSAALAAVSIAVLV
QRTRSLETDGGVTVAVDGSLYVRNEWYGLRIRTFLKELLGEKVDKVFLRAADDGSGKGAAICVAALH
;
_entity_poly.pdbx_strand_id   A
#
# COMPACT_ATOMS: atom_id res chain seq x y z
N ALA A 1 34.45 -30.45 -3.26
CA ALA A 1 33.58 -29.58 -4.05
C ALA A 1 32.98 -28.49 -3.19
N ASN A 2 32.69 -27.35 -3.80
CA ASN A 2 32.09 -26.22 -3.10
C ASN A 2 30.57 -26.43 -3.01
N ASN A 3 30.19 -27.59 -2.47
CA ASN A 3 28.80 -27.83 -2.11
C ASN A 3 28.52 -27.44 -0.66
N SER A 4 29.54 -26.90 0.02
CA SER A 4 29.31 -26.07 1.19
C SER A 4 28.57 -24.79 0.82
N LEU A 5 28.58 -24.38 -0.47
CA LEU A 5 27.73 -23.26 -0.87
C LEU A 5 26.27 -23.57 -0.62
N GLU A 6 25.84 -24.78 -0.97
CA GLU A 6 24.46 -25.19 -0.72
C GLU A 6 24.15 -25.25 0.77
N GLN A 7 25.10 -25.73 1.57
CA GLN A 7 24.91 -25.77 3.03
C GLN A 7 24.77 -24.36 3.60
N LYS A 8 25.63 -23.44 3.14
CA LYS A 8 25.55 -22.05 3.57
C LYS A 8 24.22 -21.43 3.18
N ALA A 9 23.78 -21.68 1.94
CA ALA A 9 22.49 -21.14 1.52
C ALA A 9 21.36 -21.69 2.36
N GLU A 10 21.41 -22.98 2.70
CA GLU A 10 20.37 -23.53 3.56
C GLU A 10 20.39 -22.88 4.93
N GLN A 11 21.58 -22.70 5.51
CA GLN A 11 21.70 -22.05 6.81
C GLN A 11 21.09 -20.65 6.78
N VAL A 12 21.41 -19.88 5.75
CA VAL A 12 21.00 -18.48 5.70
C VAL A 12 19.51 -18.35 5.37
N LEU A 13 19.00 -19.21 4.48
CA LEU A 13 17.63 -19.02 3.99
C LEU A 13 16.58 -19.74 4.81
N ALA A 14 16.93 -20.81 5.53
CA ALA A 14 15.94 -21.49 6.37
C ALA A 14 15.14 -20.54 7.25
N PRO A 15 15.74 -19.54 7.91
CA PRO A 15 14.93 -18.63 8.75
C PRO A 15 13.93 -17.78 7.99
N LEU A 16 14.11 -17.62 6.67
N LEU A 16 14.08 -17.64 6.68
CA LEU A 16 13.11 -16.91 5.85
CA LEU A 16 13.10 -16.92 5.88
C LEU A 16 11.96 -17.82 5.42
C LEU A 16 11.94 -17.81 5.43
N ARG A 17 12.07 -19.13 5.60
CA ARG A 17 11.03 -20.09 5.22
C ARG A 17 10.21 -20.33 6.47
N LEU A 18 9.11 -19.61 6.61
CA LEU A 18 8.37 -19.58 7.86
C LEU A 18 7.50 -20.82 7.97
N SER A 19 7.65 -21.53 9.08
CA SER A 19 6.89 -22.75 9.32
C SER A 19 5.42 -22.43 9.59
N LYS A 20 4.60 -23.47 9.51
N LYS A 20 4.60 -23.47 9.50
CA LYS A 20 3.18 -23.32 9.82
CA LYS A 20 3.18 -23.30 9.81
C LYS A 20 2.98 -22.78 11.23
C LYS A 20 2.98 -22.79 11.24
N GLU A 21 3.72 -23.33 12.19
CA GLU A 21 3.62 -22.87 13.57
C GLU A 21 4.04 -21.43 13.70
N LYS A 22 5.11 -21.03 13.02
CA LYS A 22 5.57 -19.64 13.09
C LYS A 22 4.53 -18.70 12.52
N LEU A 23 3.87 -19.08 11.42
CA LEU A 23 2.86 -18.20 10.84
C LEU A 23 1.64 -18.10 11.74
N GLN A 24 1.22 -19.21 12.34
N GLN A 24 1.23 -19.21 12.35
CA GLN A 24 0.09 -19.15 13.27
CA GLN A 24 0.08 -19.15 13.26
C GLN A 24 0.42 -18.28 14.48
C GLN A 24 0.42 -18.30 14.49
N ASP A 25 1.65 -18.40 15.00
CA ASP A 25 2.06 -17.58 16.14
C ASP A 25 2.07 -16.10 15.77
N LEU A 26 2.57 -15.78 14.57
N LEU A 26 2.56 -15.78 14.57
CA LEU A 26 2.54 -14.39 14.14
CA LEU A 26 2.55 -14.40 14.11
C LEU A 26 1.12 -13.87 13.97
C LEU A 26 1.12 -13.88 13.96
N SER A 27 0.22 -14.71 13.45
CA SER A 27 -1.18 -14.32 13.35
C SER A 27 -1.75 -13.98 14.71
N LYS A 28 -1.47 -14.82 15.71
N LYS A 28 -1.49 -14.83 15.71
CA LYS A 28 -1.94 -14.54 17.07
CA LYS A 28 -1.94 -14.54 17.07
C LYS A 28 -1.37 -13.22 17.57
C LYS A 28 -1.37 -13.22 17.57
N THR A 29 -0.07 -13.00 17.36
CA THR A 29 0.55 -11.74 17.81
C THR A 29 -0.10 -10.53 17.14
N PHE A 30 -0.35 -10.62 15.84
CA PHE A 30 -0.91 -9.51 15.09
C PHE A 30 -2.35 -9.23 15.53
N SER A 31 -3.13 -10.29 15.74
CA SER A 31 -4.50 -10.13 16.24
CA SER A 31 -4.49 -10.11 16.23
C SER A 31 -4.50 -9.46 17.61
N ASP A 32 -3.61 -9.88 18.50
CA ASP A 32 -3.55 -9.26 19.83
C ASP A 32 -3.17 -7.79 19.70
N GLU A 33 -2.23 -7.48 18.80
CA GLU A 33 -1.81 -6.10 18.58
C GLU A 33 -2.97 -5.26 18.04
N LEU A 34 -3.77 -5.82 17.14
N LEU A 34 -3.76 -5.82 17.13
CA LEU A 34 -4.91 -5.09 16.60
CA LEU A 34 -4.96 -5.18 16.61
C LEU A 34 -5.90 -4.74 17.71
C LEU A 34 -5.86 -4.71 17.75
N LEU A 35 -6.16 -5.70 18.61
N LEU A 35 -6.19 -5.64 18.64
CA LEU A 35 -7.06 -5.40 19.73
CA LEU A 35 -7.10 -5.33 19.74
C LEU A 35 -6.49 -4.30 20.62
C LEU A 35 -6.50 -4.28 20.65
N ARG A 36 -5.19 -4.36 20.91
CA ARG A 36 -4.55 -3.30 21.68
C ARG A 36 -4.70 -1.95 20.98
N GLY A 37 -4.64 -1.95 19.65
CA GLY A 37 -4.81 -0.70 18.91
C GLY A 37 -6.22 -0.14 19.01
N LEU A 38 -7.23 -1.01 18.96
CA LEU A 38 -8.60 -0.54 19.18
C LEU A 38 -8.76 0.08 20.58
N GLU A 39 -8.19 -0.57 21.60
CA GLU A 39 -8.23 0.00 22.95
C GLU A 39 -7.49 1.32 23.01
N MET A 40 -6.35 1.42 22.33
CA MET A 40 -5.62 2.67 22.27
C MET A 40 -6.48 3.77 21.66
N HIS A 41 -7.15 3.46 20.55
CA HIS A 41 -8.01 4.47 19.91
C HIS A 41 -9.10 4.93 20.85
N LYS A 42 -9.73 4.00 21.57
CA LYS A 42 -10.81 4.38 22.48
C LYS A 42 -10.32 5.34 23.56
N ARG A 43 -9.10 5.12 24.06
N ARG A 43 -9.10 5.14 24.05
CA ARG A 43 -8.54 5.99 25.09
CA ARG A 43 -8.52 6.00 25.09
C ARG A 43 -7.97 7.30 24.56
C ARG A 43 -7.98 7.31 24.55
N HIS A 44 -7.30 7.28 23.41
CA HIS A 44 -6.46 8.37 22.97
C HIS A 44 -6.89 9.04 21.69
N GLY A 45 -7.80 8.43 20.92
CA GLY A 45 -8.38 9.11 19.77
C GLY A 45 -7.35 9.45 18.71
N LEU A 46 -7.18 10.75 18.46
CA LEU A 46 -6.27 11.22 17.42
C LEU A 46 -4.80 11.14 17.81
N LYS A 47 -4.49 10.84 19.07
CA LYS A 47 -3.12 10.74 19.53
C LYS A 47 -2.63 9.30 19.42
N TRP A 48 -1.59 9.07 18.63
CA TRP A 48 -0.95 7.77 18.56
C TRP A 48 -0.03 7.59 19.76
N VAL A 49 -0.11 6.42 20.41
CA VAL A 49 0.75 6.10 21.55
C VAL A 49 1.51 4.84 21.17
N PRO A 50 2.72 4.96 20.62
CA PRO A 50 3.41 3.76 20.11
C PRO A 50 3.71 2.73 21.18
N GLU A 51 3.88 3.15 22.44
CA GLU A 51 4.08 2.19 23.51
C GLU A 51 2.85 1.31 23.73
N GLU A 52 1.66 1.80 23.37
CA GLU A 52 0.47 0.97 23.47
C GLU A 52 0.25 0.11 22.23
N CYS A 53 0.60 0.61 21.04
CA CYS A 53 0.36 -0.18 19.83
C CYS A 53 1.23 0.33 18.70
N SER A 54 1.87 -0.61 17.97
CA SER A 54 2.64 -0.23 16.79
C SER A 54 1.74 0.11 15.59
N LEU A 55 0.47 -0.26 15.65
CA LEU A 55 -0.51 0.03 14.60
C LEU A 55 -1.25 1.32 14.95
N ARG A 56 -1.24 2.27 14.02
CA ARG A 56 -1.90 3.55 14.29
C ARG A 56 -3.42 3.41 14.34
N MET A 57 -3.98 2.42 13.63
CA MET A 57 -5.43 2.18 13.66
C MET A 57 -6.23 3.46 13.40
N LEU A 58 -5.89 4.13 12.31
CA LEU A 58 -6.48 5.44 12.03
C LEU A 58 -7.94 5.34 11.62
N ASP A 59 -8.74 6.25 12.15
CA ASP A 59 -10.13 6.40 11.71
C ASP A 59 -10.13 7.04 10.32
N SER A 60 -10.56 6.28 9.31
CA SER A 60 -10.70 6.85 7.98
C SER A 60 -11.89 7.79 7.90
N CYS A 61 -12.82 7.71 8.84
CA CYS A 61 -14.07 8.45 8.79
C CYS A 61 -14.97 8.01 7.62
N VAL A 62 -14.66 6.90 6.97
CA VAL A 62 -15.48 6.37 5.88
C VAL A 62 -16.48 5.36 6.48
N SER A 63 -17.76 5.60 6.21
CA SER A 63 -18.85 4.73 6.65
CA SER A 63 -18.81 4.68 6.65
C SER A 63 -19.72 4.25 5.49
N GLU A 64 -19.80 5.03 4.42
CA GLU A 64 -20.69 4.73 3.30
C GLU A 64 -19.93 3.95 2.24
N ILE A 65 -20.28 2.68 2.09
CA ILE A 65 -19.65 1.79 1.11
C ILE A 65 -20.52 1.79 -0.14
N PRO A 66 -19.96 1.97 -1.33
CA PRO A 66 -20.77 2.00 -2.54
C PRO A 66 -21.33 0.62 -2.88
N THR A 67 -22.42 0.64 -3.63
CA THR A 67 -23.06 -0.56 -4.11
C THR A 67 -22.72 -0.88 -5.56
N GLY A 68 -22.21 0.09 -6.32
CA GLY A 68 -22.04 -0.06 -7.75
C GLY A 68 -23.18 0.51 -8.56
N ASN A 69 -24.24 0.98 -7.92
CA ASN A 69 -25.38 1.55 -8.60
C ASN A 69 -25.37 3.08 -8.63
N GLU A 70 -24.41 3.70 -7.96
CA GLU A 70 -24.32 5.16 -7.94
C GLU A 70 -23.97 5.69 -9.33
N LYS A 71 -24.52 6.86 -9.66
CA LYS A 71 -24.30 7.45 -10.97
C LYS A 71 -23.92 8.92 -10.85
N GLY A 72 -23.04 9.39 -11.74
CA GLY A 72 -22.72 10.80 -11.82
C GLY A 72 -21.27 10.99 -12.19
N VAL A 73 -20.88 12.26 -12.28
CA VAL A 73 -19.50 12.66 -12.60
C VAL A 73 -18.85 13.15 -11.32
N PHE A 74 -17.72 12.51 -10.95
CA PHE A 74 -17.05 12.80 -9.70
C PHE A 74 -15.56 12.95 -9.97
N TYR A 75 -14.89 13.80 -9.19
CA TYR A 75 -13.48 14.07 -9.42
C TYR A 75 -12.62 13.59 -8.26
N ALA A 76 -11.33 13.46 -8.54
CA ALA A 76 -10.36 13.17 -7.49
C ALA A 76 -9.08 13.91 -7.76
N LEU A 77 -8.35 14.19 -6.67
CA LEU A 77 -7.00 14.73 -6.72
C LEU A 77 -6.10 13.80 -5.95
N ASP A 78 -5.03 13.34 -6.60
CA ASP A 78 -4.10 12.36 -6.05
C ASP A 78 -2.75 13.07 -5.94
N PHE A 79 -2.37 13.40 -4.70
CA PHE A 79 -1.13 14.11 -4.40
C PHE A 79 -0.37 13.29 -3.38
N GLY A 80 0.63 12.54 -3.85
CA GLY A 80 1.38 11.66 -2.97
C GLY A 80 2.87 11.86 -3.08
N GLY A 81 3.25 12.95 -3.68
CA GLY A 81 4.62 13.20 -4.07
C GLY A 81 4.64 14.13 -5.27
N THR A 82 5.74 14.08 -6.01
CA THR A 82 5.92 15.02 -7.11
C THR A 82 5.07 14.71 -8.33
N ASN A 83 4.51 13.51 -8.43
CA ASN A 83 3.70 13.11 -9.59
C ASN A 83 2.23 13.25 -9.21
N VAL A 84 1.66 14.44 -9.44
N VAL A 84 1.66 14.44 -9.41
CA VAL A 84 0.28 14.74 -9.08
CA VAL A 84 0.27 14.71 -9.05
C VAL A 84 -0.66 14.35 -10.22
C VAL A 84 -0.65 14.33 -10.21
N ARG A 85 -1.85 13.88 -9.87
CA ARG A 85 -2.82 13.47 -10.87
C ARG A 85 -4.19 13.98 -10.48
N ALA A 86 -4.91 14.52 -11.45
CA ALA A 86 -6.34 14.76 -11.31
C ALA A 86 -7.08 13.69 -12.09
N VAL A 87 -8.21 13.23 -11.56
CA VAL A 87 -9.01 12.19 -12.20
C VAL A 87 -10.46 12.66 -12.28
N ARG A 88 -11.13 12.32 -13.38
CA ARG A 88 -12.55 12.53 -13.54
C ARG A 88 -13.18 11.18 -13.85
N CYS A 89 -14.22 10.81 -13.09
CA CYS A 89 -14.85 9.51 -13.21
C CYS A 89 -16.32 9.67 -13.53
N GLU A 90 -16.76 9.05 -14.62
CA GLU A 90 -18.17 8.87 -14.92
C GLU A 90 -18.57 7.55 -14.27
N LEU A 91 -19.37 7.63 -13.22
CA LEU A 91 -19.93 6.45 -12.59
C LEU A 91 -21.23 6.15 -13.34
N LEU A 92 -21.24 5.02 -14.05
CA LEU A 92 -22.30 4.70 -15.01
C LEU A 92 -23.30 3.69 -14.46
N GLY A 93 -23.13 3.22 -13.23
CA GLY A 93 -23.96 2.17 -12.69
C GLY A 93 -23.52 0.80 -13.20
N GLY A 94 -24.12 -0.23 -12.63
CA GLY A 94 -23.70 -1.58 -12.96
C GLY A 94 -22.23 -1.84 -12.69
N GLY A 95 -21.63 -1.09 -11.77
CA GLY A 95 -20.22 -1.26 -11.46
C GLY A 95 -19.25 -0.69 -12.48
N ARG A 96 -19.75 0.03 -13.50
CA ARG A 96 -18.90 0.50 -14.58
C ARG A 96 -18.50 1.96 -14.37
N ILE A 97 -17.23 2.26 -14.62
CA ILE A 97 -16.68 3.61 -14.50
C ILE A 97 -15.85 3.91 -15.74
N ARG A 98 -16.04 5.09 -16.32
CA ARG A 98 -15.13 5.59 -17.35
C ARG A 98 -14.33 6.74 -16.76
N SER A 99 -13.01 6.68 -16.91
N SER A 99 -13.01 6.69 -16.90
CA SER A 99 -12.10 7.63 -16.28
CA SER A 99 -12.18 7.69 -16.25
C SER A 99 -11.34 8.45 -17.31
C SER A 99 -11.28 8.42 -17.25
N GLN A 100 -10.94 9.65 -16.87
CA GLN A 100 -9.96 10.47 -17.55
C GLN A 100 -9.00 10.97 -16.49
N GLN A 101 -7.79 11.34 -16.90
CA GLN A 101 -6.81 11.84 -15.94
C GLN A 101 -5.94 12.91 -16.58
N PHE A 102 -5.39 13.77 -15.71
CA PHE A 102 -4.41 14.76 -16.12
C PHE A 102 -3.25 14.71 -15.14
N LEU A 103 -2.03 14.63 -15.65
CA LEU A 103 -0.83 14.45 -14.84
C LEU A 103 0.00 15.73 -14.82
N LYS A 104 0.57 16.05 -13.66
CA LYS A 104 1.53 17.14 -13.55
C LYS A 104 2.75 16.65 -12.77
N ASN A 105 3.94 16.96 -13.28
CA ASN A 105 5.17 16.72 -12.55
C ASN A 105 5.52 18.02 -11.83
N LEU A 106 5.47 18.00 -10.49
CA LEU A 106 5.69 19.22 -9.72
C LEU A 106 7.07 19.81 -9.97
N TYR A 107 8.02 19.00 -10.41
CA TYR A 107 9.35 19.51 -10.76
C TYR A 107 9.30 20.48 -11.94
N GLU A 108 8.24 20.43 -12.74
CA GLU A 108 8.15 21.23 -13.96
C GLU A 108 7.04 22.28 -13.89
N CYS A 109 6.52 22.59 -12.71
CA CYS A 109 5.28 23.33 -12.61
C CYS A 109 5.38 24.66 -11.89
N GLY A 110 6.51 24.97 -11.26
CA GLY A 110 6.67 26.30 -10.67
C GLY A 110 7.17 27.32 -11.66
N GLY A 111 7.94 26.87 -12.65
CA GLY A 111 8.56 27.76 -13.60
C GLY A 111 9.80 28.40 -13.01
N GLU A 112 9.59 29.49 -12.26
CA GLU A 112 10.63 30.16 -11.49
C GLU A 112 10.48 29.88 -10.00
N ILE A 113 9.75 28.82 -9.65
CA ILE A 113 9.39 28.55 -8.26
C ILE A 113 9.53 27.05 -7.99
N ASP A 114 10.34 26.71 -7.00
CA ASP A 114 10.49 25.32 -6.53
C ASP A 114 9.34 25.05 -5.58
N LEU A 115 8.34 24.29 -6.03
CA LEU A 115 7.13 24.07 -5.23
C LEU A 115 7.41 23.32 -3.94
N MET A 116 8.51 22.56 -3.87
N MET A 116 8.51 22.57 -3.88
CA MET A 116 8.84 21.81 -2.67
CA MET A 116 8.87 21.79 -2.70
C MET A 116 9.67 22.61 -1.67
C MET A 116 9.68 22.60 -1.69
N ALA A 117 10.01 23.86 -2.00
CA ALA A 117 10.95 24.64 -1.20
C ALA A 117 10.29 25.32 0.01
N ARG A 118 11.10 25.57 1.03
CA ARG A 118 10.59 26.20 2.25
C ARG A 118 10.09 27.61 2.00
N GLU A 119 10.60 28.26 0.96
CA GLU A 119 10.18 29.62 0.63
C GLU A 119 8.86 29.68 -0.14
N THR A 120 8.35 28.54 -0.62
CA THR A 120 7.10 28.51 -1.35
C THR A 120 5.92 28.45 -0.38
N SER A 121 4.87 29.22 -0.67
CA SER A 121 3.73 29.30 0.24
C SER A 121 2.75 28.15 -0.02
N ALA A 122 1.89 27.90 0.97
CA ALA A 122 0.79 26.96 0.77
C ALA A 122 -0.04 27.34 -0.43
N SER A 123 -0.33 28.64 -0.58
CA SER A 123 -1.17 29.09 -1.69
C SER A 123 -0.57 28.76 -3.05
N GLN A 124 0.76 28.89 -3.20
CA GLN A 124 1.39 28.58 -4.48
C GLN A 124 1.31 27.09 -4.82
N LEU A 125 1.54 26.24 -3.82
CA LEU A 125 1.42 24.79 -4.04
C LEU A 125 -0.03 24.40 -4.36
N PHE A 126 -0.98 24.89 -3.56
CA PHE A 126 -2.36 24.50 -3.79
C PHE A 126 -2.93 25.11 -5.07
N ASP A 127 -2.39 26.25 -5.51
CA ASP A 127 -2.74 26.77 -6.83
C ASP A 127 -2.37 25.76 -7.91
N VAL A 128 -1.19 25.14 -7.79
CA VAL A 128 -0.81 24.14 -8.80
C VAL A 128 -1.71 22.89 -8.72
N LEU A 129 -2.02 22.44 -7.50
CA LEU A 129 -2.90 21.27 -7.36
C LEU A 129 -4.29 21.53 -7.95
N ALA A 130 -4.86 22.68 -7.60
CA ALA A 130 -6.17 23.05 -8.14
C ALA A 130 -6.10 23.20 -9.65
N GLY A 131 -4.99 23.74 -10.17
CA GLY A 131 -4.83 23.86 -11.62
C GLY A 131 -4.81 22.53 -12.35
N CYS A 132 -4.24 21.50 -11.73
CA CYS A 132 -4.30 20.17 -12.32
CA CYS A 132 -4.31 20.16 -12.31
C CYS A 132 -5.75 19.74 -12.52
N VAL A 133 -6.57 19.87 -11.47
CA VAL A 133 -7.98 19.53 -11.64
C VAL A 133 -8.64 20.45 -12.67
N GLY A 134 -8.31 21.75 -12.63
CA GLY A 134 -8.92 22.69 -13.57
C GLY A 134 -8.61 22.36 -15.01
N GLU A 135 -7.40 21.86 -15.29
CA GLU A 135 -7.08 21.46 -16.66
C GLU A 135 -8.00 20.34 -17.10
N LEU A 136 -8.28 19.41 -16.20
CA LEU A 136 -9.23 18.33 -16.55
C LEU A 136 -10.67 18.86 -16.73
N VAL A 137 -11.11 19.81 -15.89
CA VAL A 137 -12.43 20.42 -16.08
C VAL A 137 -12.51 21.09 -17.44
N GLU A 138 -11.44 21.79 -17.83
CA GLU A 138 -11.42 22.50 -19.11
C GLU A 138 -11.39 21.54 -20.29
N GLU A 139 -10.67 20.42 -20.17
CA GLU A 139 -10.68 19.40 -21.21
C GLU A 139 -12.11 18.95 -21.51
N ASN A 140 -12.96 18.95 -20.50
CA ASN A 140 -14.34 18.49 -20.62
C ASN A 140 -15.33 19.63 -20.83
N ASN A 141 -14.84 20.85 -20.99
CA ASN A 141 -15.68 22.02 -21.26
C ASN A 141 -16.78 22.16 -20.21
N GLU A 142 -16.42 21.92 -18.94
CA GLU A 142 -17.37 21.79 -17.84
C GLU A 142 -17.30 22.93 -16.84
N LYS A 143 -16.43 23.93 -17.05
CA LYS A 143 -16.26 24.95 -16.02
C LYS A 143 -17.56 25.70 -15.74
N GLU A 144 -18.32 26.06 -16.78
CA GLU A 144 -19.58 26.78 -16.57
C GLU A 144 -20.63 25.89 -15.89
N LEU A 145 -20.72 24.63 -16.31
CA LEU A 145 -21.64 23.71 -15.66
C LEU A 145 -21.35 23.62 -14.17
N LEU A 146 -20.07 23.57 -13.81
CA LEU A 146 -19.71 23.41 -12.41
C LEU A 146 -19.91 24.70 -11.62
N LYS A 147 -19.90 25.85 -12.30
CA LYS A 147 -20.32 27.07 -11.61
C LYS A 147 -21.79 27.00 -11.24
N LYS A 148 -22.60 26.37 -12.10
CA LYS A 148 -24.02 26.24 -11.76
C LYS A 148 -24.25 25.23 -10.64
N LYS A 149 -23.56 24.10 -10.69
CA LYS A 149 -23.69 23.05 -9.67
C LYS A 149 -22.34 22.39 -9.50
N ALA A 150 -21.73 22.54 -8.33
CA ALA A 150 -20.39 22.03 -8.10
C ALA A 150 -20.35 20.51 -8.18
N ALA A 151 -19.22 20.00 -8.63
CA ALA A 151 -18.97 18.56 -8.57
C ALA A 151 -18.25 18.24 -7.27
N LYS A 152 -18.44 17.00 -6.81
CA LYS A 152 -17.79 16.55 -5.58
C LYS A 152 -16.45 15.92 -5.92
N LEU A 153 -15.49 16.08 -5.00
CA LEU A 153 -14.12 15.66 -5.22
C LEU A 153 -13.57 14.96 -3.98
N GLY A 154 -12.87 13.85 -4.21
CA GLY A 154 -12.10 13.18 -3.17
C GLY A 154 -10.62 13.44 -3.34
N PHE A 155 -9.90 13.51 -2.22
CA PHE A 155 -8.51 13.95 -2.20
C PHE A 155 -7.66 12.87 -1.53
N THR A 156 -6.75 12.27 -2.28
CA THR A 156 -5.78 11.36 -1.69
C THR A 156 -4.53 12.19 -1.43
N PHE A 157 -4.19 12.35 -0.16
CA PHE A 157 -3.10 13.22 0.28
C PHE A 157 -2.20 12.30 1.10
N SER A 158 -1.19 11.73 0.44
N SER A 158 -1.17 11.74 0.45
CA SER A 158 -0.42 10.63 1.02
CA SER A 158 -0.43 10.63 1.03
C SER A 158 0.76 11.11 1.85
C SER A 158 0.78 11.11 1.85
N PHE A 159 0.46 11.79 2.94
CA PHE A 159 1.43 12.32 3.89
C PHE A 159 0.85 12.13 5.28
N PRO A 160 1.69 12.14 6.32
CA PRO A 160 1.18 11.94 7.68
C PRO A 160 0.26 13.09 8.09
N CYS A 161 -0.96 12.74 8.49
CA CYS A 161 -1.96 13.72 8.84
C CYS A 161 -2.68 13.34 10.11
N VAL A 162 -3.43 14.30 10.64
CA VAL A 162 -4.37 14.11 11.74
C VAL A 162 -5.75 14.44 11.18
N GLN A 163 -6.63 13.44 11.13
CA GLN A 163 -7.91 13.54 10.43
C GLN A 163 -9.07 13.44 11.42
N ARG A 164 -9.74 14.57 11.66
CA ARG A 164 -10.83 14.63 12.63
CA ARG A 164 -10.82 14.56 12.63
C ARG A 164 -12.18 14.24 12.03
N SER A 165 -12.33 14.40 10.71
CA SER A 165 -13.57 14.08 10.03
C SER A 165 -13.22 13.75 8.59
N LEU A 166 -14.19 13.26 7.84
CA LEU A 166 -13.91 12.82 6.47
C LEU A 166 -13.33 13.95 5.64
N ASN A 167 -13.78 15.19 5.86
CA ASN A 167 -13.35 16.34 5.07
C ASN A 167 -12.45 17.30 5.85
N ASN A 168 -11.74 16.83 6.89
CA ASN A 168 -10.86 17.68 7.71
C ASN A 168 -9.61 16.86 8.05
N SER A 169 -8.49 17.21 7.40
CA SER A 169 -7.22 16.50 7.60
C SER A 169 -6.08 17.52 7.67
N VAL A 170 -5.36 17.52 8.79
CA VAL A 170 -4.29 18.47 9.07
C VAL A 170 -2.95 17.81 8.79
N LEU A 171 -2.11 18.47 8.00
CA LEU A 171 -0.79 17.92 7.71
C LEU A 171 0.06 17.97 8.96
N GLU A 172 0.56 16.81 9.39
CA GLU A 172 1.34 16.74 10.61
C GLU A 172 2.79 17.14 10.36
N SER A 173 3.37 16.62 9.28
CA SER A 173 4.74 16.91 8.90
C SER A 173 4.91 16.52 7.44
N TRP A 174 5.81 17.22 6.75
CA TRP A 174 6.14 16.84 5.39
C TRP A 174 7.07 15.63 5.38
N THR A 175 6.96 14.84 4.31
CA THR A 175 7.86 13.74 4.03
C THR A 175 8.18 13.79 2.54
N LYS A 176 8.98 12.83 2.07
CA LYS A 176 9.21 12.63 0.64
C LYS A 176 9.90 13.82 -0.03
N GLY A 177 10.72 14.56 0.71
CA GLY A 177 11.47 15.67 0.15
C GLY A 177 10.77 17.01 0.16
N PHE A 178 9.52 17.09 0.61
CA PHE A 178 8.82 18.36 0.61
C PHE A 178 9.19 19.19 1.83
N ALA A 179 9.27 20.51 1.64
CA ALA A 179 9.44 21.45 2.74
C ALA A 179 8.56 22.69 2.56
N THR A 180 7.52 22.60 1.73
CA THR A 180 6.72 23.76 1.35
C THR A 180 6.19 24.51 2.56
N GLY A 181 6.40 25.83 2.56
CA GLY A 181 5.77 26.72 3.51
C GLY A 181 6.54 26.93 4.80
N HIS A 182 7.60 26.14 5.05
CA HIS A 182 8.28 26.21 6.35
C HIS A 182 8.84 27.59 6.65
N ASP A 183 9.27 28.34 5.63
CA ASP A 183 9.81 29.68 5.81
C ASP A 183 8.86 30.79 5.36
N THR A 184 7.55 30.58 5.54
CA THR A 184 6.55 31.56 5.12
C THR A 184 5.51 31.77 6.23
N ASP A 185 4.70 32.82 6.05
CA ASP A 185 3.51 33.08 6.84
C ASP A 185 2.32 32.22 6.42
N ASP A 186 2.51 31.30 5.48
CA ASP A 186 1.41 30.59 4.83
C ASP A 186 1.74 29.10 4.83
N PRO A 187 1.78 28.47 5.99
CA PRO A 187 2.24 27.08 6.06
C PRO A 187 1.18 26.09 5.57
N VAL A 188 1.66 24.90 5.22
CA VAL A 188 0.79 23.73 5.09
C VAL A 188 0.80 22.89 6.36
N VAL A 189 1.99 22.68 6.95
CA VAL A 189 2.09 21.91 8.18
C VAL A 189 1.27 22.59 9.26
N GLY A 190 0.45 21.79 9.96
CA GLY A 190 -0.40 22.30 11.00
C GLY A 190 -1.71 22.88 10.52
N LYS A 191 -1.98 22.85 9.23
CA LYS A 191 -3.22 23.37 8.67
C LYS A 191 -4.06 22.25 8.07
N ASP A 192 -5.37 22.43 8.13
CA ASP A 192 -6.31 21.57 7.43
C ASP A 192 -6.15 21.80 5.93
N VAL A 193 -5.88 20.73 5.19
CA VAL A 193 -5.60 20.89 3.76
C VAL A 193 -6.86 21.16 2.96
N VAL A 194 -8.03 20.85 3.50
CA VAL A 194 -9.27 21.00 2.73
C VAL A 194 -9.58 22.48 2.52
N PRO A 195 -9.52 23.36 3.54
CA PRO A 195 -9.71 24.79 3.24
C PRO A 195 -8.64 25.36 2.30
N LEU A 196 -7.39 24.87 2.38
CA LEU A 196 -6.38 25.34 1.44
C LEU A 196 -6.74 24.97 0.00
N LEU A 197 -7.20 23.74 -0.21
CA LEU A 197 -7.63 23.32 -1.53
C LEU A 197 -8.86 24.11 -1.99
N ALA A 198 -9.84 24.29 -1.08
CA ALA A 198 -11.04 25.05 -1.42
C ALA A 198 -10.72 26.48 -1.82
N ALA A 199 -9.79 27.13 -1.11
CA ALA A 199 -9.38 28.48 -1.47
C ALA A 199 -8.75 28.51 -2.86
N ALA A 200 -7.90 27.53 -3.17
CA ALA A 200 -7.29 27.48 -4.50
C ALA A 200 -8.33 27.24 -5.60
N PHE A 201 -9.32 26.37 -5.34
CA PHE A 201 -10.41 26.21 -6.30
C PHE A 201 -11.14 27.53 -6.51
N ALA A 202 -11.39 28.26 -5.42
CA ALA A 202 -12.11 29.52 -5.54
C ALA A 202 -11.31 30.53 -6.35
N ARG A 203 -10.00 30.58 -6.15
CA ARG A 203 -9.16 31.52 -6.91
C ARG A 203 -9.22 31.23 -8.39
N GLN A 204 -9.52 30.00 -8.78
CA GLN A 204 -9.65 29.67 -10.20
C GLN A 204 -11.09 29.56 -10.69
N GLY A 205 -12.08 29.90 -9.87
CA GLY A 205 -13.47 29.80 -10.31
C GLY A 205 -13.95 28.38 -10.54
N LEU A 206 -13.34 27.40 -9.86
CA LEU A 206 -13.64 26.00 -10.09
C LEU A 206 -14.69 25.50 -9.12
N GLY A 207 -15.82 25.04 -9.66
CA GLY A 207 -16.90 24.51 -8.84
C GLY A 207 -16.66 23.06 -8.44
N LEU A 208 -15.72 22.86 -7.52
CA LEU A 208 -15.40 21.56 -6.96
C LEU A 208 -15.44 21.69 -5.46
N GLU A 209 -16.04 20.71 -4.81
CA GLU A 209 -16.16 20.66 -3.35
C GLU A 209 -15.50 19.39 -2.86
N CYS A 210 -14.40 19.54 -2.11
CA CYS A 210 -13.71 18.39 -1.53
C CYS A 210 -14.47 17.89 -0.30
N GLU A 211 -15.04 16.69 -0.43
CA GLU A 211 -15.82 16.10 0.63
C GLU A 211 -15.11 14.96 1.34
N ALA A 212 -13.91 14.56 0.92
CA ALA A 212 -13.21 13.48 1.58
C ALA A 212 -11.72 13.59 1.32
N VAL A 213 -10.94 13.29 2.36
CA VAL A 213 -9.52 12.97 2.24
C VAL A 213 -9.38 11.50 2.60
N VAL A 214 -8.70 10.72 1.74
N VAL A 214 -8.72 10.72 1.75
CA VAL A 214 -8.76 9.26 1.80
CA VAL A 214 -8.72 9.28 1.88
C VAL A 214 -7.36 8.66 1.64
C VAL A 214 -7.31 8.73 1.73
N ASN A 215 -7.04 7.65 2.45
CA ASN A 215 -5.82 6.86 2.29
C ASN A 215 -5.99 5.92 1.10
N ASP A 216 -4.87 5.61 0.44
CA ASP A 216 -4.92 4.77 -0.74
C ASP A 216 -5.49 3.38 -0.49
N THR A 217 -5.29 2.78 0.70
CA THR A 217 -5.87 1.46 0.94
C THR A 217 -7.39 1.53 1.03
N VAL A 218 -7.90 2.62 1.62
CA VAL A 218 -9.34 2.82 1.71
C VAL A 218 -9.93 3.06 0.33
N GLY A 219 -9.24 3.86 -0.48
CA GLY A 219 -9.67 4.02 -1.87
C GLY A 219 -9.67 2.70 -2.62
N THR A 220 -8.73 1.81 -2.30
CA THR A 220 -8.68 0.50 -2.96
C THR A 220 -9.90 -0.34 -2.59
N LEU A 221 -10.25 -0.38 -1.29
CA LEU A 221 -11.47 -1.04 -0.87
C LEU A 221 -12.68 -0.47 -1.62
N LEU A 222 -12.77 0.87 -1.70
CA LEU A 222 -13.96 1.48 -2.31
C LEU A 222 -14.04 1.22 -3.82
N SER A 223 -12.89 1.24 -4.51
CA SER A 223 -12.84 0.92 -5.92
C SER A 223 -13.37 -0.48 -6.17
N CYS A 224 -12.94 -1.43 -5.34
CA CYS A 224 -13.43 -2.80 -5.46
C CYS A 224 -14.92 -2.89 -5.17
N ALA A 225 -15.36 -2.26 -4.09
CA ALA A 225 -16.77 -2.31 -3.72
C ALA A 225 -17.66 -1.82 -4.86
N TYR A 226 -17.26 -0.73 -5.53
CA TYR A 226 -18.08 -0.24 -6.63
C TYR A 226 -18.05 -1.20 -7.82
N GLN A 227 -16.87 -1.68 -8.18
CA GLN A 227 -16.70 -2.33 -9.48
C GLN A 227 -16.90 -3.84 -9.47
N LYS A 228 -17.07 -4.47 -8.31
CA LYS A 228 -17.02 -5.94 -8.26
C LYS A 228 -18.29 -6.60 -8.77
N GLY A 229 -19.45 -5.96 -8.62
CA GLY A 229 -20.70 -6.57 -8.98
C GLY A 229 -21.34 -7.26 -7.80
N PRO A 230 -22.65 -7.09 -7.62
CA PRO A 230 -23.32 -7.58 -6.40
C PRO A 230 -23.27 -9.08 -6.22
N GLY A 231 -22.97 -9.85 -7.25
CA GLY A 231 -23.06 -11.30 -7.16
C GLY A 231 -22.08 -11.99 -6.21
N GLY A 232 -21.43 -11.23 -5.34
CA GLY A 232 -20.48 -11.79 -4.41
C GLY A 232 -20.47 -11.10 -3.05
N PRO A 233 -19.59 -11.57 -2.17
CA PRO A 233 -19.62 -11.09 -0.77
C PRO A 233 -19.05 -9.68 -0.63
N PRO A 234 -19.34 -9.01 0.48
CA PRO A 234 -18.94 -7.61 0.63
C PRO A 234 -17.42 -7.46 0.68
N CYS A 235 -16.97 -6.31 0.19
CA CYS A 235 -15.56 -5.94 0.26
C CYS A 235 -15.31 -5.20 1.57
N THR A 236 -14.69 -5.88 2.52
CA THR A 236 -14.44 -5.31 3.83
C THR A 236 -12.96 -5.27 4.21
N VAL A 237 -12.07 -5.60 3.28
CA VAL A 237 -10.63 -5.51 3.51
C VAL A 237 -10.00 -4.92 2.25
N GLY A 238 -9.11 -3.95 2.41
CA GLY A 238 -8.36 -3.38 1.29
C GLY A 238 -6.89 -3.50 1.57
N VAL A 239 -6.12 -3.86 0.54
CA VAL A 239 -4.70 -4.23 0.69
C VAL A 239 -3.89 -3.59 -0.42
N ILE A 240 -2.79 -2.95 -0.05
CA ILE A 240 -1.79 -2.52 -1.03
C ILE A 240 -0.49 -3.25 -0.75
N LEU A 241 0.01 -3.93 -1.79
CA LEU A 241 1.28 -4.67 -1.78
C LEU A 241 2.08 -4.17 -2.97
N GLY A 242 2.77 -3.06 -2.77
CA GLY A 242 3.48 -2.39 -3.86
C GLY A 242 4.80 -1.86 -3.35
N THR A 243 5.10 -0.60 -3.65
CA THR A 243 6.30 0.00 -3.09
C THR A 243 6.25 -0.01 -1.57
N GLY A 244 5.07 0.26 -1.00
CA GLY A 244 4.80 0.09 0.40
C GLY A 244 3.75 -1.01 0.61
N ALA A 245 3.43 -1.28 1.88
CA ALA A 245 2.49 -2.34 2.23
C ALA A 245 1.60 -1.86 3.36
N ASN A 246 0.29 -1.90 3.16
CA ASN A 246 -0.65 -1.44 4.19
C ASN A 246 -1.99 -2.08 3.93
N CYS A 247 -2.84 -2.10 4.95
N CYS A 247 -2.88 -1.95 4.93
CA CYS A 247 -4.20 -2.60 4.78
CA CYS A 247 -4.13 -2.69 5.03
C CYS A 247 -5.17 -1.75 5.58
C CYS A 247 -5.19 -1.82 5.69
N CYS A 248 -6.43 -1.85 5.17
CA CYS A 248 -7.56 -1.29 5.90
C CYS A 248 -8.66 -2.35 6.00
N TYR A 249 -9.59 -2.13 6.92
CA TYR A 249 -10.67 -3.12 7.08
C TYR A 249 -11.88 -2.48 7.75
N TRP A 250 -13.03 -3.12 7.57
N TRP A 250 -13.03 -3.11 7.55
CA TRP A 250 -14.29 -2.69 8.15
CA TRP A 250 -14.28 -2.68 8.16
C TRP A 250 -14.41 -3.28 9.56
C TRP A 250 -14.40 -3.27 9.56
N GLU A 251 -14.48 -2.40 10.57
CA GLU A 251 -14.44 -2.81 11.96
C GLU A 251 -15.85 -2.89 12.53
N PRO A 252 -16.35 -4.07 12.91
CA PRO A 252 -17.76 -4.19 13.30
C PRO A 252 -18.11 -3.54 14.62
N GLN A 253 -17.14 -3.28 15.49
CA GLN A 253 -17.37 -2.57 16.75
C GLN A 253 -16.79 -1.17 16.72
N ALA A 254 -16.70 -0.57 15.53
CA ALA A 254 -16.06 0.74 15.39
C ALA A 254 -16.66 1.76 16.35
N ALA A 255 -17.98 1.79 16.48
CA ALA A 255 -18.60 2.83 17.30
C ALA A 255 -18.16 2.73 18.76
N ALA A 256 -18.15 1.52 19.32
CA ALA A 256 -17.80 1.34 20.73
C ALA A 256 -16.35 1.73 21.02
N PHE A 257 -15.48 1.68 20.01
CA PHE A 257 -14.09 2.05 20.18
C PHE A 257 -13.81 3.50 19.81
N GLY A 258 -14.85 4.29 19.58
CA GLY A 258 -14.66 5.72 19.39
C GLY A 258 -14.35 6.15 17.98
N TYR A 259 -14.67 5.32 17.00
CA TYR A 259 -14.51 5.65 15.59
C TYR A 259 -15.75 6.36 15.06
N ARG A 260 -15.52 7.30 14.16
CA ARG A 260 -16.57 7.96 13.41
CA ARG A 260 -16.59 7.94 13.42
C ARG A 260 -16.88 7.21 12.12
N GLY A 261 -15.85 6.71 11.46
CA GLY A 261 -16.05 5.83 10.32
C GLY A 261 -16.16 4.39 10.79
N ALA A 262 -16.37 3.51 9.83
CA ALA A 262 -16.28 2.08 10.09
C ALA A 262 -14.99 1.48 9.55
N VAL A 263 -14.35 2.11 8.59
CA VAL A 263 -13.13 1.57 8.00
C VAL A 263 -11.91 2.12 8.75
N VAL A 264 -11.06 1.20 9.22
CA VAL A 264 -9.84 1.51 9.92
C VAL A 264 -8.67 1.34 8.97
N ASN A 265 -7.85 2.39 8.86
CA ASN A 265 -6.56 2.32 8.17
C ASN A 265 -5.53 1.84 9.19
N VAL A 266 -5.12 0.58 9.07
CA VAL A 266 -4.34 -0.03 10.15
C VAL A 266 -2.95 0.59 10.26
N GLU A 267 -2.35 0.94 9.12
CA GLU A 267 -0.93 1.31 9.05
C GLU A 267 -0.06 0.16 9.55
N CYS A 268 -0.36 -1.03 9.03
CA CYS A 268 0.31 -2.23 9.52
C CYS A 268 1.73 -2.38 9.01
N GLY A 269 2.19 -1.53 8.11
CA GLY A 269 3.61 -1.58 7.74
C GLY A 269 4.51 -1.39 8.94
N ASN A 270 4.03 -0.69 9.98
CA ASN A 270 4.80 -0.46 11.18
C ASN A 270 4.69 -1.57 12.23
N PHE A 271 3.92 -2.62 11.98
CA PHE A 271 3.82 -3.73 12.93
C PHE A 271 5.21 -4.23 13.31
N ASN A 272 5.44 -4.41 14.62
CA ASN A 272 6.81 -4.66 15.06
C ASN A 272 6.93 -5.71 16.16
N LYS A 273 5.90 -6.55 16.35
CA LYS A 273 5.90 -7.50 17.47
C LYS A 273 6.23 -8.91 16.98
N ASN A 274 7.24 -9.53 17.59
N ASN A 274 7.22 -9.53 17.62
CA ASN A 274 7.58 -10.93 17.32
CA ASN A 274 7.65 -10.91 17.35
C ASN A 274 7.88 -11.19 15.85
C ASN A 274 7.88 -11.18 15.86
N LEU A 275 8.48 -10.21 15.18
CA LEU A 275 8.80 -10.39 13.77
C LEU A 275 9.90 -11.45 13.61
N PRO A 276 9.88 -12.19 12.51
CA PRO A 276 10.93 -13.20 12.25
C PRO A 276 12.21 -12.58 11.68
N THR A 277 12.79 -11.67 12.44
CA THR A 277 13.91 -10.87 11.98
C THR A 277 15.14 -11.73 11.70
N THR A 278 15.75 -11.47 10.55
CA THR A 278 17.02 -12.07 10.17
C THR A 278 18.09 -10.99 10.11
N PRO A 279 19.38 -11.37 10.07
CA PRO A 279 20.43 -10.35 9.92
C PRO A 279 20.24 -9.44 8.73
N ALA A 280 19.72 -9.94 7.60
CA ALA A 280 19.49 -9.05 6.46
C ALA A 280 18.46 -7.98 6.79
N ASP A 281 17.42 -8.37 7.53
CA ASP A 281 16.41 -7.39 7.96
C ASP A 281 17.02 -6.34 8.88
N GLU A 282 17.87 -6.77 9.82
CA GLU A 282 18.52 -5.81 10.69
C GLU A 282 19.38 -4.84 9.88
N ALA A 283 20.09 -5.35 8.88
CA ALA A 283 20.94 -4.48 8.07
C ALA A 283 20.10 -3.47 7.30
N ILE A 284 18.99 -3.91 6.71
CA ILE A 284 18.12 -2.98 5.98
C ILE A 284 17.60 -1.88 6.90
N ASP A 285 17.16 -2.27 8.11
CA ASP A 285 16.65 -1.25 9.03
C ASP A 285 17.76 -0.31 9.47
N ASN A 286 18.93 -0.85 9.80
CA ASN A 286 19.99 -0.03 10.39
C ASN A 286 20.48 1.05 9.44
N LYS A 287 20.45 0.81 8.13
CA LYS A 287 20.89 1.82 7.17
C LYS A 287 19.75 2.67 6.62
N SER A 288 18.52 2.43 7.07
CA SER A 288 17.37 3.16 6.56
C SER A 288 17.26 4.54 7.22
N PRO A 289 16.54 5.47 6.59
CA PRO A 289 16.31 6.79 7.20
C PRO A 289 15.23 6.79 8.25
N ASN A 290 14.54 5.67 8.43
CA ASN A 290 13.42 5.54 9.35
C ASN A 290 13.65 4.33 10.25
N LYS A 291 14.78 4.35 10.98
N LYS A 291 14.78 4.35 10.98
CA LYS A 291 15.17 3.23 11.83
CA LYS A 291 15.18 3.21 11.80
C LYS A 291 14.06 2.87 12.82
C LYS A 291 14.10 2.86 12.82
N LYS A 292 13.79 1.57 12.92
CA LYS A 292 12.81 0.96 13.80
C LYS A 292 11.38 1.19 13.37
N HIS A 293 11.15 1.90 12.27
CA HIS A 293 9.81 2.11 11.78
C HIS A 293 9.58 1.30 10.52
N GLN A 294 8.31 0.99 10.26
CA GLN A 294 7.92 0.25 9.07
C GLN A 294 8.59 -1.13 8.97
N LEU A 295 8.84 -1.78 10.12
CA LEU A 295 9.63 -3.01 10.10
C LEU A 295 8.92 -4.16 9.39
N PHE A 296 7.58 -4.21 9.46
CA PHE A 296 6.85 -5.26 8.77
C PHE A 296 6.88 -5.01 7.27
N GLU A 297 6.62 -3.75 6.86
CA GLU A 297 6.76 -3.35 5.47
C GLU A 297 8.15 -3.67 4.91
N LYS A 298 9.20 -3.52 5.73
CA LYS A 298 10.56 -3.76 5.27
C LYS A 298 10.80 -5.22 4.94
N MET A 299 9.93 -6.14 5.40
CA MET A 299 10.03 -7.54 5.01
C MET A 299 9.13 -7.89 3.84
N ILE A 300 8.22 -7.01 3.44
CA ILE A 300 7.14 -7.34 2.52
C ILE A 300 7.25 -6.59 1.20
N SER A 301 7.50 -5.28 1.25
CA SER A 301 7.16 -4.44 0.11
C SER A 301 8.27 -4.39 -0.94
N GLY A 302 7.86 -3.94 -2.14
CA GLY A 302 8.77 -3.92 -3.28
C GLY A 302 9.97 -3.01 -3.10
N PHE A 303 9.84 -1.96 -2.28
CA PHE A 303 10.99 -1.10 -2.04
C PHE A 303 12.17 -1.88 -1.47
N TYR A 304 11.90 -2.97 -0.75
CA TYR A 304 12.92 -3.65 0.03
C TYR A 304 13.31 -5.04 -0.49
N LEU A 305 12.48 -5.69 -1.32
CA LEU A 305 12.74 -7.09 -1.64
C LEU A 305 14.05 -7.27 -2.42
N GLY A 306 14.37 -6.31 -3.30
CA GLY A 306 15.63 -6.41 -4.03
C GLY A 306 16.83 -6.27 -3.11
N GLU A 307 16.76 -5.33 -2.16
CA GLU A 307 17.82 -5.19 -1.16
C GLU A 307 17.99 -6.47 -0.35
N LEU A 308 16.89 -7.12 0.00
CA LEU A 308 17.00 -8.40 0.71
C LEU A 308 17.78 -9.41 -0.13
N VAL A 309 17.41 -9.55 -1.41
CA VAL A 309 18.15 -10.49 -2.28
C VAL A 309 19.63 -10.13 -2.30
N ARG A 310 19.95 -8.84 -2.43
CA ARG A 310 21.36 -8.42 -2.53
C ARG A 310 22.13 -8.76 -1.26
N LEU A 311 21.59 -8.40 -0.09
CA LEU A 311 22.30 -8.67 1.16
C LEU A 311 22.45 -10.17 1.40
N LEU A 312 21.41 -10.95 1.08
CA LEU A 312 21.52 -12.40 1.25
C LEU A 312 22.55 -12.99 0.29
N THR A 313 22.64 -12.46 -0.92
CA THR A 313 23.68 -12.89 -1.86
C THR A 313 25.06 -12.67 -1.27
N LEU A 314 25.30 -11.48 -0.71
CA LEU A 314 26.59 -11.22 -0.09
C LEU A 314 26.84 -12.18 1.08
N GLU A 315 25.83 -12.42 1.91
CA GLU A 315 25.98 -13.31 3.06
C GLU A 315 26.32 -14.74 2.63
N ILE A 316 25.69 -15.22 1.55
CA ILE A 316 25.85 -16.62 1.15
C ILE A 316 27.10 -16.83 0.31
N PHE A 317 27.38 -15.93 -0.63
CA PHE A 317 28.45 -16.12 -1.59
C PHE A 317 29.79 -15.56 -1.12
N GLY A 318 29.82 -14.62 -0.17
CA GLY A 318 31.12 -14.15 0.30
C GLY A 318 31.97 -13.57 -0.81
N ALA A 319 33.23 -13.99 -0.87
CA ALA A 319 34.14 -13.45 -1.86
C ALA A 319 33.76 -13.80 -3.28
N ALA A 320 32.83 -14.75 -3.47
CA ALA A 320 32.34 -15.08 -4.80
C ALA A 320 31.24 -14.15 -5.29
N ALA A 321 30.74 -13.25 -4.43
CA ALA A 321 29.71 -12.34 -4.86
C ALA A 321 30.26 -11.34 -5.87
N PRO A 322 29.45 -10.91 -6.85
CA PRO A 322 29.92 -9.92 -7.82
C PRO A 322 30.03 -8.54 -7.21
N ALA A 323 30.94 -7.73 -7.78
CA ALA A 323 31.24 -6.42 -7.23
C ALA A 323 30.01 -5.54 -7.11
N LYS A 324 29.12 -5.60 -8.12
CA LYS A 324 27.91 -4.77 -8.12
C LYS A 324 26.96 -5.12 -6.97
N ALA A 325 27.05 -6.32 -6.41
CA ALA A 325 26.23 -6.65 -5.25
C ALA A 325 26.64 -5.86 -4.02
N ARG A 326 27.78 -5.17 -4.05
CA ARG A 326 28.19 -4.33 -2.93
C ARG A 326 27.58 -2.94 -3.00
N GLU A 327 26.80 -2.65 -4.05
N GLU A 327 26.83 -2.64 -4.06
CA GLU A 327 26.22 -1.33 -4.29
CA GLU A 327 26.25 -1.32 -4.27
C GLU A 327 24.79 -1.32 -3.80
C GLU A 327 24.80 -1.29 -3.81
N GLU A 328 24.48 -0.42 -2.86
CA GLU A 328 23.12 -0.30 -2.35
C GLU A 328 22.15 -0.03 -3.50
N PHE A 329 21.02 -0.74 -3.48
CA PHE A 329 19.92 -0.55 -4.44
C PHE A 329 20.27 -0.94 -5.86
N SER A 330 21.25 -1.83 -6.05
CA SER A 330 21.61 -2.26 -7.39
C SER A 330 20.70 -3.36 -7.94
N PHE A 331 19.76 -3.87 -7.13
CA PHE A 331 18.91 -4.99 -7.55
C PHE A 331 17.52 -4.71 -6.99
N ASP A 332 16.52 -4.70 -7.87
CA ASP A 332 15.18 -4.26 -7.47
C ASP A 332 14.18 -5.42 -7.41
N ALA A 333 12.94 -5.09 -7.03
CA ALA A 333 11.93 -6.13 -6.83
C ALA A 333 11.49 -6.80 -8.13
N LYS A 334 11.51 -6.09 -9.25
N LYS A 334 11.49 -6.08 -9.25
CA LYS A 334 11.22 -6.72 -10.54
CA LYS A 334 11.22 -6.72 -10.54
C LYS A 334 12.26 -7.80 -10.86
C LYS A 334 12.25 -7.80 -10.85
N GLN A 335 13.53 -7.49 -10.60
CA GLN A 335 14.59 -8.46 -10.81
C GLN A 335 14.48 -9.64 -9.83
N ALA A 336 14.18 -9.34 -8.57
CA ALA A 336 13.96 -10.41 -7.61
C ALA A 336 12.81 -11.31 -8.06
N ALA A 337 11.79 -10.72 -8.69
CA ALA A 337 10.64 -11.50 -9.14
C ALA A 337 11.03 -12.45 -10.25
N VAL A 338 11.95 -12.04 -11.14
CA VAL A 338 12.46 -13.00 -12.14
C VAL A 338 13.02 -14.25 -11.45
N LEU A 339 13.86 -14.05 -10.42
CA LEU A 339 14.38 -15.19 -9.67
C LEU A 339 13.26 -16.03 -9.03
N ALA A 340 12.33 -15.38 -8.34
CA ALA A 340 11.32 -16.13 -7.61
C ALA A 340 10.41 -16.90 -8.56
N ALA A 341 10.05 -16.31 -9.71
CA ALA A 341 9.13 -16.94 -10.64
C ALA A 341 9.64 -18.32 -11.05
N SER A 342 10.96 -18.48 -11.14
N SER A 342 10.97 -18.48 -11.13
CA SER A 342 11.57 -19.71 -11.60
CA SER A 342 11.59 -19.71 -11.61
C SER A 342 11.46 -20.87 -10.62
C SER A 342 11.47 -20.86 -10.61
N LEU A 343 10.99 -20.62 -9.40
CA LEU A 343 10.84 -21.67 -8.40
C LEU A 343 9.41 -21.76 -7.87
N MET A 344 8.46 -21.12 -8.54
CA MET A 344 7.06 -21.25 -8.17
C MET A 344 6.56 -22.65 -8.50
N PRO A 345 5.46 -23.09 -7.85
CA PRO A 345 4.99 -24.47 -8.03
C PRO A 345 4.79 -24.84 -9.49
N GLY A 346 5.36 -25.98 -9.88
CA GLY A 346 5.27 -26.47 -11.25
C GLY A 346 6.26 -25.86 -12.22
N LYS A 347 7.04 -24.87 -11.77
CA LYS A 347 7.98 -24.16 -12.63
C LYS A 347 9.43 -24.48 -12.31
N GLU A 348 9.68 -25.32 -11.31
CA GLU A 348 11.04 -25.46 -10.78
C GLU A 348 12.01 -26.02 -11.81
N GLU A 349 11.52 -26.77 -12.81
CA GLU A 349 12.36 -27.36 -13.85
C GLU A 349 12.21 -26.68 -15.22
N ASP A 350 11.51 -25.55 -15.28
CA ASP A 350 11.22 -24.81 -16.50
C ASP A 350 12.49 -24.15 -17.03
N PRO A 351 12.98 -24.54 -18.21
CA PRO A 351 14.25 -23.99 -18.68
C PRO A 351 14.19 -22.51 -19.07
N ALA A 352 13.05 -22.02 -19.58
CA ALA A 352 12.97 -20.63 -20.00
C ALA A 352 13.06 -19.68 -18.81
N LEU A 353 12.40 -20.02 -17.71
CA LEU A 353 12.43 -19.14 -16.54
C LEU A 353 13.82 -19.10 -15.91
N ALA A 354 14.50 -20.25 -15.87
CA ALA A 354 15.86 -20.30 -15.35
C ALA A 354 16.83 -19.53 -16.26
N SER A 355 16.66 -19.67 -17.58
N SER A 355 16.66 -19.65 -17.58
CA SER A 355 17.48 -18.91 -18.51
CA SER A 355 17.51 -18.91 -18.51
C SER A 355 17.31 -17.41 -18.31
C SER A 355 17.36 -17.42 -18.32
N SER A 356 16.07 -16.96 -18.07
N SER A 356 16.12 -16.96 -18.08
CA SER A 356 15.84 -15.55 -17.79
CA SER A 356 15.89 -15.55 -17.82
C SER A 356 16.61 -15.09 -16.56
C SER A 356 16.65 -15.09 -16.57
N CYS A 357 16.76 -15.97 -15.57
CA CYS A 357 17.58 -15.64 -14.40
C CYS A 357 19.04 -15.46 -14.77
N LYS A 358 19.58 -16.37 -15.57
CA LYS A 358 20.99 -16.28 -15.98
C LYS A 358 21.26 -14.98 -16.74
N VAL A 359 20.35 -14.65 -17.68
CA VAL A 359 20.49 -13.42 -18.45
C VAL A 359 20.42 -12.20 -17.53
N LEU A 360 19.47 -12.21 -16.59
CA LEU A 360 19.32 -11.10 -15.66
C LEU A 360 20.59 -10.86 -14.86
N LEU A 361 21.17 -11.93 -14.31
CA LEU A 361 22.33 -11.76 -13.43
C LEU A 361 23.54 -11.26 -14.21
N LYS A 362 23.70 -11.71 -15.46
CA LYS A 362 24.76 -11.16 -16.29
C LYS A 362 24.53 -9.67 -16.56
N GLU A 363 23.28 -9.28 -16.85
CA GLU A 363 23.02 -7.88 -17.19
C GLU A 363 23.11 -6.96 -15.98
N SER A 364 22.48 -7.34 -14.87
CA SER A 364 22.34 -6.46 -13.73
C SER A 364 23.61 -6.40 -12.89
N TRP A 365 24.29 -7.53 -12.74
CA TRP A 365 25.46 -7.58 -11.86
C TRP A 365 26.74 -7.98 -12.60
N GLY A 366 26.70 -8.12 -13.91
CA GLY A 366 27.91 -8.52 -14.65
C GLY A 366 28.45 -9.86 -14.23
N TRP A 367 27.59 -10.79 -13.82
CA TRP A 367 28.00 -11.99 -13.11
C TRP A 367 27.83 -13.19 -14.03
N ASP A 368 28.96 -13.75 -14.46
CA ASP A 368 29.00 -14.96 -15.29
C ASP A 368 29.11 -16.17 -14.36
N LEU A 369 27.99 -16.48 -13.72
CA LEU A 369 27.96 -17.45 -12.63
C LEU A 369 27.62 -18.86 -13.16
N ASP A 370 28.04 -19.87 -12.41
CA ASP A 370 27.89 -21.25 -12.84
C ASP A 370 26.53 -21.82 -12.42
N ALA A 371 26.28 -23.08 -12.77
CA ALA A 371 24.95 -23.66 -12.56
C ALA A 371 24.58 -23.72 -11.08
N ALA A 372 25.54 -24.15 -10.24
CA ALA A 372 25.27 -24.25 -8.81
C ALA A 372 24.94 -22.89 -8.23
N ALA A 373 25.70 -21.87 -8.63
CA ALA A 373 25.45 -20.52 -8.15
C ALA A 373 24.09 -20.02 -8.63
N LEU A 374 23.74 -20.29 -9.88
CA LEU A 374 22.45 -19.85 -10.42
C LEU A 374 21.30 -20.46 -9.63
N LYS A 375 21.40 -21.75 -9.30
CA LYS A 375 20.34 -22.38 -8.52
C LYS A 375 20.19 -21.71 -7.16
N VAL A 376 21.32 -21.42 -6.50
CA VAL A 376 21.26 -20.73 -5.21
C VAL A 376 20.61 -19.36 -5.34
N MET A 377 20.96 -18.60 -6.39
CA MET A 377 20.37 -17.27 -6.56
C MET A 377 18.85 -17.37 -6.75
N ARG A 378 18.40 -18.34 -7.53
CA ARG A 378 16.96 -18.56 -7.67
C ARG A 378 16.33 -18.84 -6.30
N GLN A 379 16.99 -19.67 -5.49
CA GLN A 379 16.46 -19.98 -4.16
C GLN A 379 16.39 -18.75 -3.28
N ILE A 380 17.37 -17.85 -3.38
CA ILE A 380 17.34 -16.61 -2.59
C ILE A 380 16.13 -15.77 -2.97
N GLY A 381 15.95 -15.56 -4.29
CA GLY A 381 14.82 -14.77 -4.75
C GLY A 381 13.49 -15.39 -4.32
N PHE A 382 13.38 -16.71 -4.48
CA PHE A 382 12.15 -17.37 -4.07
C PHE A 382 11.89 -17.19 -2.59
N ALA A 383 12.91 -17.40 -1.75
CA ALA A 383 12.71 -17.30 -0.30
C ALA A 383 12.22 -15.91 0.08
N VAL A 384 12.81 -14.87 -0.52
CA VAL A 384 12.44 -13.49 -0.18
C VAL A 384 10.99 -13.21 -0.58
N PHE A 385 10.62 -13.58 -1.81
CA PHE A 385 9.26 -13.31 -2.27
C PHE A 385 8.23 -14.15 -1.56
N ASP A 386 8.56 -15.41 -1.26
CA ASP A 386 7.59 -16.26 -0.60
C ASP A 386 7.36 -15.79 0.83
N ARG A 387 8.39 -15.25 1.48
CA ARG A 387 8.17 -14.71 2.81
C ARG A 387 7.28 -13.47 2.75
N SER A 388 7.50 -12.60 1.76
CA SER A 388 6.60 -11.45 1.57
C SER A 388 5.15 -11.92 1.45
N ALA A 389 4.90 -12.93 0.63
CA ALA A 389 3.53 -13.44 0.48
C ALA A 389 2.99 -14.02 1.78
N ALA A 390 3.80 -14.77 2.51
CA ALA A 390 3.34 -15.36 3.76
C ALA A 390 2.97 -14.29 4.79
N LEU A 391 3.79 -13.25 4.89
CA LEU A 391 3.52 -12.18 5.86
C LEU A 391 2.31 -11.35 5.44
N ALA A 392 2.18 -11.08 4.13
CA ALA A 392 0.95 -10.46 3.64
C ALA A 392 -0.27 -11.28 3.99
N ALA A 393 -0.16 -12.61 3.86
CA ALA A 393 -1.28 -13.49 4.19
C ALA A 393 -1.63 -13.41 5.67
N VAL A 394 -0.62 -13.31 6.55
CA VAL A 394 -0.91 -13.12 7.98
C VAL A 394 -1.78 -11.88 8.18
N SER A 395 -1.37 -10.76 7.59
N SER A 395 -1.37 -10.76 7.60
CA SER A 395 -2.14 -9.52 7.78
CA SER A 395 -2.14 -9.52 7.74
C SER A 395 -3.57 -9.67 7.22
C SER A 395 -3.57 -9.71 7.26
N ILE A 396 -3.71 -10.28 6.05
CA ILE A 396 -5.03 -10.44 5.45
C ILE A 396 -5.91 -11.37 6.29
N ALA A 397 -5.36 -12.49 6.75
CA ALA A 397 -6.12 -13.44 7.56
C ALA A 397 -6.65 -12.78 8.82
N VAL A 398 -5.79 -12.03 9.53
CA VAL A 398 -6.22 -11.39 10.77
C VAL A 398 -7.33 -10.39 10.50
N LEU A 399 -7.19 -9.59 9.43
N LEU A 399 -7.19 -9.58 9.44
CA LEU A 399 -8.21 -8.59 9.14
CA LEU A 399 -8.22 -8.59 9.16
C LEU A 399 -9.52 -9.25 8.71
C LEU A 399 -9.54 -9.25 8.71
N VAL A 400 -9.44 -10.28 7.86
CA VAL A 400 -10.65 -11.01 7.47
C VAL A 400 -11.39 -11.52 8.69
N GLN A 401 -10.66 -12.12 9.63
CA GLN A 401 -11.30 -12.61 10.84
C GLN A 401 -11.95 -11.47 11.63
N ARG A 402 -11.26 -10.32 11.72
CA ARG A 402 -11.80 -9.22 12.51
C ARG A 402 -13.06 -8.62 11.89
N THR A 403 -13.18 -8.62 10.54
CA THR A 403 -14.38 -8.07 9.92
C THR A 403 -15.63 -8.86 10.28
N ARG A 404 -15.47 -10.13 10.64
N ARG A 404 -15.48 -10.14 10.64
CA ARG A 404 -16.56 -11.09 10.85
CA ARG A 404 -16.56 -11.08 10.85
C ARG A 404 -17.38 -11.33 9.59
C ARG A 404 -17.38 -11.34 9.59
N SER A 405 -16.88 -10.93 8.41
CA SER A 405 -17.65 -11.07 7.18
C SER A 405 -17.96 -12.53 6.84
N LEU A 406 -17.04 -13.45 7.13
CA LEU A 406 -17.34 -14.86 6.90
C LEU A 406 -18.55 -15.31 7.70
N GLU A 407 -18.69 -14.80 8.93
CA GLU A 407 -19.79 -15.19 9.81
C GLU A 407 -21.09 -14.48 9.46
N THR A 408 -21.03 -13.19 9.15
CA THR A 408 -22.24 -12.41 8.93
C THR A 408 -22.76 -12.46 7.49
N ASP A 409 -21.86 -12.61 6.51
CA ASP A 409 -22.23 -12.58 5.10
C ASP A 409 -21.86 -13.84 4.33
N GLY A 410 -21.21 -14.82 4.95
CA GLY A 410 -20.88 -16.05 4.25
C GLY A 410 -19.70 -15.98 3.31
N GLY A 411 -18.95 -14.88 3.33
CA GLY A 411 -17.78 -14.76 2.47
C GLY A 411 -17.26 -13.36 2.61
N VAL A 412 -16.12 -13.13 1.96
CA VAL A 412 -15.49 -11.81 2.00
C VAL A 412 -14.75 -11.58 0.69
N THR A 413 -14.84 -10.35 0.20
CA THR A 413 -14.00 -9.91 -0.91
C THR A 413 -12.88 -9.02 -0.35
N VAL A 414 -11.65 -9.39 -0.68
CA VAL A 414 -10.46 -8.65 -0.27
C VAL A 414 -9.94 -7.91 -1.49
N ALA A 415 -9.97 -6.58 -1.44
CA ALA A 415 -9.47 -5.77 -2.55
C ALA A 415 -7.95 -5.70 -2.47
N VAL A 416 -7.26 -5.98 -3.57
CA VAL A 416 -5.79 -5.95 -3.59
C VAL A 416 -5.30 -5.13 -4.77
N ASP A 417 -4.32 -4.27 -4.51
CA ASP A 417 -3.62 -3.55 -5.57
C ASP A 417 -2.15 -3.46 -5.19
N GLY A 418 -1.34 -2.99 -6.12
CA GLY A 418 0.07 -2.80 -5.88
C GLY A 418 0.91 -3.65 -6.80
N SER A 419 2.13 -3.17 -7.10
CA SER A 419 2.95 -3.80 -8.14
C SER A 419 3.29 -5.26 -7.84
N LEU A 420 3.49 -5.63 -6.57
CA LEU A 420 3.83 -7.03 -6.27
C LEU A 420 2.73 -7.97 -6.72
N TYR A 421 1.48 -7.56 -6.51
CA TYR A 421 0.34 -8.39 -6.84
C TYR A 421 -0.01 -8.27 -8.33
N VAL A 422 0.04 -7.06 -8.87
CA VAL A 422 -0.40 -6.83 -10.26
C VAL A 422 0.58 -7.45 -11.25
N ARG A 423 1.89 -7.35 -10.99
N ARG A 423 1.89 -7.34 -10.99
CA ARG A 423 2.89 -7.81 -11.95
CA ARG A 423 2.90 -7.80 -11.94
C ARG A 423 3.15 -9.30 -11.91
C ARG A 423 3.17 -9.30 -11.90
N ASN A 424 2.82 -9.98 -10.80
CA ASN A 424 3.23 -11.37 -10.58
C ASN A 424 2.00 -12.20 -10.24
N GLU A 425 1.42 -12.90 -11.21
N GLU A 425 1.46 -12.91 -11.24
CA GLU A 425 0.20 -13.66 -10.91
CA GLU A 425 0.28 -13.75 -11.05
C GLU A 425 0.44 -14.74 -9.87
C GLU A 425 0.47 -14.71 -9.89
N TRP A 426 1.68 -15.27 -9.78
CA TRP A 426 1.98 -16.27 -8.75
C TRP A 426 1.98 -15.69 -7.34
N TYR A 427 2.10 -14.38 -7.19
CA TYR A 427 2.20 -13.81 -5.85
C TYR A 427 0.88 -13.99 -5.09
N GLY A 428 -0.23 -13.61 -5.73
CA GLY A 428 -1.53 -13.83 -5.13
C GLY A 428 -1.81 -15.30 -4.84
N LEU A 429 -1.34 -16.20 -5.72
CA LEU A 429 -1.56 -17.62 -5.46
C LEU A 429 -0.75 -18.09 -4.26
N ARG A 430 0.46 -17.56 -4.07
CA ARG A 430 1.20 -17.87 -2.85
C ARG A 430 0.47 -17.33 -1.62
N ILE A 431 -0.04 -16.09 -1.72
CA ILE A 431 -0.85 -15.56 -0.61
C ILE A 431 -1.99 -16.51 -0.28
N ARG A 432 -2.69 -17.01 -1.30
CA ARG A 432 -3.81 -17.91 -1.06
C ARG A 432 -3.36 -19.22 -0.39
N THR A 433 -2.21 -19.75 -0.79
CA THR A 433 -1.69 -20.95 -0.13
C THR A 433 -1.48 -20.70 1.36
N PHE A 434 -0.91 -19.54 1.70
CA PHE A 434 -0.69 -19.26 3.12
C PHE A 434 -2.00 -18.96 3.85
N LEU A 435 -2.95 -18.32 3.17
CA LEU A 435 -4.27 -18.11 3.75
C LEU A 435 -4.94 -19.44 4.06
N LYS A 436 -4.74 -20.45 3.21
CA LYS A 436 -5.31 -21.76 3.52
C LYS A 436 -4.64 -22.34 4.76
N GLU A 437 -3.32 -22.21 4.89
CA GLU A 437 -2.66 -22.60 6.13
C GLU A 437 -3.29 -21.92 7.35
N LEU A 438 -3.61 -20.62 7.25
CA LEU A 438 -4.05 -19.85 8.41
C LEU A 438 -5.54 -20.04 8.71
N LEU A 439 -6.38 -20.13 7.68
CA LEU A 439 -7.82 -20.12 7.83
C LEU A 439 -8.49 -21.47 7.61
N GLY A 440 -7.77 -22.49 7.12
CA GLY A 440 -8.44 -23.74 6.86
C GLY A 440 -9.32 -23.68 5.62
N GLU A 441 -10.29 -24.60 5.58
CA GLU A 441 -11.14 -24.75 4.40
C GLU A 441 -11.97 -23.50 4.11
N LYS A 442 -12.22 -22.67 5.12
CA LYS A 442 -13.01 -21.46 4.87
C LYS A 442 -12.29 -20.45 3.98
N VAL A 443 -11.04 -20.72 3.58
CA VAL A 443 -10.42 -19.91 2.54
C VAL A 443 -11.21 -19.95 1.24
N ASP A 444 -12.02 -21.00 1.03
CA ASP A 444 -12.84 -21.04 -0.18
C ASP A 444 -13.96 -20.00 -0.17
N LYS A 445 -14.15 -19.28 0.95
CA LYS A 445 -15.09 -18.17 1.02
C LYS A 445 -14.38 -16.81 1.01
N VAL A 446 -13.07 -16.80 0.79
CA VAL A 446 -12.29 -15.58 0.69
C VAL A 446 -11.94 -15.37 -0.78
N PHE A 447 -12.25 -14.19 -1.30
CA PHE A 447 -12.03 -13.88 -2.71
C PHE A 447 -11.09 -12.68 -2.83
N LEU A 448 -9.86 -12.93 -3.25
CA LEU A 448 -8.95 -11.83 -3.55
C LEU A 448 -9.31 -11.26 -4.91
N ARG A 449 -9.55 -9.95 -4.97
CA ARG A 449 -9.97 -9.31 -6.21
CA ARG A 449 -9.99 -9.30 -6.19
C ARG A 449 -9.10 -8.09 -6.48
N ALA A 450 -8.55 -8.04 -7.68
CA ALA A 450 -7.75 -6.90 -8.08
C ALA A 450 -8.65 -5.66 -8.14
N ALA A 451 -8.14 -4.55 -7.62
CA ALA A 451 -8.88 -3.31 -7.57
C ALA A 451 -7.96 -2.21 -8.06
N ASP A 452 -8.44 -1.35 -8.93
CA ASP A 452 -7.56 -0.38 -9.55
C ASP A 452 -7.75 1.03 -9.01
N ASP A 453 -6.65 1.76 -8.98
CA ASP A 453 -6.63 3.21 -8.83
C ASP A 453 -7.39 3.67 -7.59
N GLY A 454 -7.02 3.11 -6.45
CA GLY A 454 -7.61 3.55 -5.20
C GLY A 454 -7.40 5.02 -4.91
N SER A 455 -6.24 5.54 -5.30
N SER A 455 -6.23 5.54 -5.31
CA SER A 455 -5.88 6.93 -5.01
CA SER A 455 -5.89 6.93 -5.00
C SER A 455 -6.63 7.92 -5.88
C SER A 455 -6.63 7.93 -5.88
N GLY A 456 -7.16 7.49 -7.02
CA GLY A 456 -7.90 8.39 -7.90
C GLY A 456 -9.35 8.00 -7.93
N LYS A 457 -9.68 7.00 -8.76
CA LYS A 457 -11.01 6.44 -8.80
C LYS A 457 -11.60 6.15 -7.42
N GLY A 458 -10.82 5.54 -6.52
CA GLY A 458 -11.35 5.21 -5.20
C GLY A 458 -11.79 6.42 -4.40
N ALA A 459 -11.04 7.53 -4.52
CA ALA A 459 -11.41 8.76 -3.81
C ALA A 459 -12.66 9.40 -4.42
N ALA A 460 -12.81 9.31 -5.75
CA ALA A 460 -14.04 9.79 -6.40
C ALA A 460 -15.23 8.96 -5.96
N ILE A 461 -15.05 7.64 -5.87
CA ILE A 461 -16.12 6.75 -5.40
C ILE A 461 -16.49 7.08 -3.96
N CYS A 462 -15.49 7.37 -3.12
CA CYS A 462 -15.75 7.72 -1.74
C CYS A 462 -16.79 8.83 -1.66
N VAL A 463 -16.58 9.91 -2.42
CA VAL A 463 -17.52 11.02 -2.32
C VAL A 463 -18.85 10.71 -3.01
N ALA A 464 -18.84 9.88 -4.06
CA ALA A 464 -20.09 9.48 -4.70
C ALA A 464 -20.99 8.69 -3.73
N ALA A 465 -20.39 7.93 -2.81
CA ALA A 465 -21.17 7.12 -1.89
C ALA A 465 -21.82 7.93 -0.78
N LEU A 466 -21.50 9.22 -0.67
CA LEU A 466 -22.07 10.04 0.40
C LEU A 466 -23.50 10.45 0.12
N HIS A 467 -23.86 10.56 -1.16
CA HIS A 467 -25.20 10.94 -1.61
C HIS A 467 -26.26 9.99 -1.08
#